data_7CRZ
#
_entry.id   7CRZ
#
_cell.length_a   48.329
_cell.length_b   118.248
_cell.length_c   54.252
_cell.angle_alpha   90.000
_cell.angle_beta   103.540
_cell.angle_gamma   90.000
#
_symmetry.space_group_name_H-M   'P 1 21 1'
#
loop_
_entity.id
_entity.type
_entity.pdbx_description
1 polymer 'Solute carrier family 2, facilitated glucose transporter member 3'
2 non-polymer (2S,3R,4S,5R,6R)-6-(hydroxymethyl)-4-undec-10-enoxy-oxane-2,3,5-triol
3 non-polymer '(2R)-2,3-dihydroxypropyl (9Z)-octadec-9-enoate'
4 water water
#
_entity_poly.entity_id   1
_entity_poly.type   'polypeptide(L)'
_entity_poly.pdbx_seq_one_letter_code
;MHHHHHHHHHHSGDEVDAGSGHMGTQKVTPALIFAITVATIGSFQFGYNTGVINAPEKIIKEFITKTLTDKGNAPPSEVL
LTSLWSLSVAIFSVGGMIGSFSVGLFVNRFGRRNSMLIVNLLAVTGGCFMGLCKVAKSVEMLILGRLVIGLFCGLCTGFV
PMYIGEISPTALRGAFGTLNQLGIVVGILVAQIFGLEFILGSEELWPLLLGFTILPAILQSAALPFCPESPRFLLINRKE
EENAKQILQRLWGTQDVSQDIQEMKDESARMSQEKQVTVLELFRVSSYRQPIIISIVLQLSQQLSGINAVFYYSTGIFKD
AGVQEPIYATIGAGVVNTIFTVVSLFLVERAGRRTLHMIGLGGMAFCSTLMTVSLLLKDNYNGMSFVCIGAILVFVAFFE
IGPGPIPWFIVAELFSQGPRPAAMAVAGCSNWTSNFLVGLLFPSAAHYLGAYVFIIFTGFLITFLAFTFFKVPETRGRTF
EDITRAFEGQAHGADRSGKDGVMEMNSIEPAKETTTNV
;
_entity_poly.pdbx_strand_id   A
#
loop_
_chem_comp.id
_chem_comp.type
_chem_comp.name
_chem_comp.formula
F00 non-polymer (2S,3R,4S,5R,6R)-6-(hydroxymethyl)-4-undec-10-enoxy-oxane-2,3,5-triol 'C17 H32 O6'
OLC non-polymer '(2R)-2,3-dihydroxypropyl (9Z)-octadec-9-enoate' 'C21 H40 O4'
#
# COMPACT_ATOMS: atom_id res chain seq x y z
N THR A 25 -12.72 -13.51 -25.61
CA THR A 25 -12.62 -14.94 -25.39
C THR A 25 -12.24 -15.24 -23.94
N GLN A 26 -11.57 -14.29 -23.29
CA GLN A 26 -11.12 -14.47 -21.91
C GLN A 26 -12.15 -13.98 -20.90
N LYS A 27 -12.64 -14.90 -20.08
CA LYS A 27 -13.68 -14.58 -19.10
C LYS A 27 -13.13 -14.35 -17.70
N VAL A 28 -13.96 -13.80 -16.84
CA VAL A 28 -13.65 -13.69 -15.43
C VAL A 28 -14.29 -14.87 -14.70
N THR A 29 -13.49 -15.89 -14.44
CA THR A 29 -14.00 -17.10 -13.81
C THR A 29 -14.02 -16.98 -12.29
N PRO A 30 -14.89 -17.76 -11.65
CA PRO A 30 -14.83 -17.93 -10.20
C PRO A 30 -13.42 -18.26 -9.72
N ALA A 31 -12.67 -19.03 -10.51
CA ALA A 31 -11.30 -19.38 -10.14
C ALA A 31 -10.40 -18.14 -10.06
N LEU A 32 -10.55 -17.24 -11.03
CA LEU A 32 -9.76 -16.02 -11.08
C LEU A 32 -10.12 -15.09 -9.92
N ILE A 33 -11.42 -14.92 -9.70
CA ILE A 33 -11.89 -14.08 -8.61
C ILE A 33 -11.34 -14.57 -7.29
N PHE A 34 -11.46 -15.88 -7.07
CA PHE A 34 -10.99 -16.53 -5.86
C PHE A 34 -9.49 -16.32 -5.64
N ALA A 35 -8.69 -16.53 -6.69
CA ALA A 35 -7.24 -16.41 -6.59
C ALA A 35 -6.82 -14.98 -6.29
N ILE A 36 -7.51 -14.03 -6.91
CA ILE A 36 -7.17 -12.62 -6.67
C ILE A 36 -7.66 -12.20 -5.29
N THR A 37 -8.90 -12.53 -4.96
CA THR A 37 -9.47 -12.22 -3.65
C THR A 37 -8.60 -12.75 -2.51
N VAL A 38 -8.14 -14.01 -2.63
CA VAL A 38 -7.27 -14.58 -1.61
C VAL A 38 -5.97 -13.80 -1.49
N ALA A 39 -5.38 -13.42 -2.62
CA ALA A 39 -4.17 -12.61 -2.61
C ALA A 39 -4.37 -11.28 -1.87
N THR A 40 -5.53 -10.66 -2.04
CA THR A 40 -5.78 -9.32 -1.48
C THR A 40 -6.05 -9.34 0.02
N ILE A 41 -6.09 -10.53 0.62
CA ILE A 41 -6.16 -10.63 2.07
C ILE A 41 -4.89 -10.03 2.65
N GLY A 42 -3.79 -10.21 1.93
CA GLY A 42 -2.54 -9.60 2.32
C GLY A 42 -2.69 -8.09 2.29
N SER A 43 -3.42 -7.58 1.30
CA SER A 43 -3.70 -6.16 1.16
C SER A 43 -4.49 -5.67 2.37
N PHE A 44 -5.51 -6.45 2.73
CA PHE A 44 -6.32 -6.16 3.90
C PHE A 44 -5.44 -6.07 5.14
N GLN A 45 -4.47 -6.97 5.24
CA GLN A 45 -3.56 -6.99 6.37
C GLN A 45 -2.74 -5.73 6.47
N PHE A 46 -2.28 -5.25 5.31
CA PHE A 46 -1.52 -4.01 5.23
C PHE A 46 -2.36 -2.83 5.73
N GLY A 47 -3.56 -2.70 5.18
CA GLY A 47 -4.47 -1.65 5.58
C GLY A 47 -4.87 -1.74 7.04
N TYR A 48 -5.20 -2.94 7.49
CA TYR A 48 -5.59 -3.10 8.89
C TYR A 48 -4.47 -2.69 9.82
N ASN A 49 -3.25 -3.19 9.57
CA ASN A 49 -2.15 -2.90 10.48
C ASN A 49 -1.66 -1.46 10.38
N THR A 50 -1.93 -0.80 9.25
CA THR A 50 -1.63 0.63 9.11
C THR A 50 -2.52 1.47 10.02
N GLY A 51 -3.83 1.21 9.95
CA GLY A 51 -4.79 2.06 10.62
C GLY A 51 -5.12 1.70 12.06
N VAL A 52 -4.94 0.44 12.43
CA VAL A 52 -5.37 -0.06 13.73
C VAL A 52 -4.72 0.64 14.93
N ILE A 53 -3.47 1.07 14.77
CA ILE A 53 -2.67 1.50 15.91
C ILE A 53 -3.09 2.89 16.41
N ASN A 54 -3.84 3.63 15.61
CA ASN A 54 -4.15 5.02 15.92
C ASN A 54 -5.16 5.23 17.05
N ALA A 55 -6.29 4.54 16.99
CA ALA A 55 -7.33 4.66 18.02
C ALA A 55 -6.86 4.35 19.45
N PRO A 56 -6.09 3.27 19.66
CA PRO A 56 -5.81 2.98 21.07
C PRO A 56 -4.53 3.60 21.62
N GLU A 57 -4.14 4.78 21.14
CA GLU A 57 -2.91 5.42 21.59
C GLU A 57 -2.87 5.65 23.10
N LYS A 58 -3.91 6.30 23.62
CA LYS A 58 -4.00 6.62 25.05
C LYS A 58 -3.92 5.36 25.90
N ILE A 59 -4.74 4.38 25.54
CA ILE A 59 -4.79 3.10 26.20
C ILE A 59 -3.41 2.42 26.26
N ILE A 60 -2.72 2.41 25.12
CA ILE A 60 -1.41 1.74 25.03
C ILE A 60 -0.35 2.47 25.85
N LYS A 61 -0.37 3.80 25.80
CA LYS A 61 0.50 4.62 26.65
C LYS A 61 0.27 4.30 28.13
N GLU A 62 -0.97 4.11 28.52
CA GLU A 62 -1.26 3.66 29.88
C GLU A 62 -0.61 2.30 30.13
N PHE A 63 -0.72 1.39 29.16
CA PHE A 63 -0.10 0.08 29.30
C PHE A 63 1.41 0.21 29.49
N ILE A 64 2.05 1.04 28.68
CA ILE A 64 3.48 1.29 28.80
C ILE A 64 3.88 1.84 30.17
N THR A 65 3.10 2.79 30.66
CA THR A 65 3.33 3.33 32.00
C THR A 65 3.13 2.27 33.08
N LYS A 66 2.01 1.53 33.00
CA LYS A 66 1.73 0.53 34.02
C LYS A 66 2.80 -0.54 34.02
N THR A 67 3.31 -0.89 32.84
CA THR A 67 4.34 -1.92 32.73
C THR A 67 5.65 -1.48 33.38
N LEU A 68 6.09 -0.26 33.07
CA LEU A 68 7.34 0.24 33.64
C LEU A 68 7.30 0.26 35.17
N THR A 69 6.19 0.75 35.73
CA THR A 69 6.10 0.82 37.19
C THR A 69 5.84 -0.54 37.81
N ASP A 70 5.07 -1.40 37.13
CA ASP A 70 4.83 -2.74 37.67
C ASP A 70 6.14 -3.51 37.73
N LYS A 71 7.10 -3.13 36.90
CA LYS A 71 8.42 -3.75 36.92
C LYS A 71 9.37 -3.03 37.87
N GLY A 72 8.84 -2.12 38.67
CA GLY A 72 9.61 -1.46 39.70
C GLY A 72 10.06 -0.06 39.37
N ASN A 73 10.21 0.22 38.08
CA ASN A 73 10.78 1.49 37.62
C ASN A 73 9.90 2.69 37.92
N ALA A 74 10.49 3.88 37.85
CA ALA A 74 9.74 5.12 37.99
C ALA A 74 8.84 5.30 36.79
N PRO A 75 7.70 6.01 36.96
CA PRO A 75 6.83 6.28 35.83
C PRO A 75 7.57 7.08 34.77
N PRO A 76 7.34 6.77 33.48
CA PRO A 76 7.96 7.50 32.38
C PRO A 76 7.52 8.95 32.28
N SER A 77 8.44 9.82 31.89
CA SER A 77 8.09 11.19 31.56
C SER A 77 7.26 11.20 30.29
N GLU A 78 6.61 12.33 30.01
CA GLU A 78 5.78 12.49 28.84
C GLU A 78 6.64 12.29 27.57
N VAL A 79 7.89 12.73 27.65
CA VAL A 79 8.82 12.58 26.54
C VAL A 79 9.14 11.10 26.28
N LEU A 80 9.43 10.36 27.34
CA LEU A 80 9.78 8.96 27.19
C LEU A 80 8.60 8.15 26.68
N LEU A 81 7.42 8.44 27.22
CA LEU A 81 6.19 7.78 26.78
C LEU A 81 5.94 8.04 25.30
N THR A 82 6.15 9.29 24.90
CA THR A 82 5.99 9.70 23.51
C THR A 82 7.00 8.98 22.60
N SER A 83 8.23 8.88 23.08
CA SER A 83 9.29 8.16 22.38
CA SER A 83 9.29 8.16 22.37
C SER A 83 8.95 6.68 22.21
N LEU A 84 8.52 6.04 23.30
CA LEU A 84 8.17 4.63 23.26
C LEU A 84 6.93 4.38 22.39
N TRP A 85 5.99 5.34 22.43
CA TRP A 85 4.82 5.25 21.57
C TRP A 85 5.19 5.43 20.10
N SER A 86 6.00 6.45 19.80
CA SER A 86 6.43 6.70 18.43
C SER A 86 7.19 5.52 17.87
N LEU A 87 8.00 4.91 18.72
CA LEU A 87 8.72 3.71 18.36
C LEU A 87 7.77 2.56 18.00
N SER A 88 6.73 2.35 18.83
CA SER A 88 5.71 1.31 18.58
C SER A 88 5.01 1.50 17.24
N VAL A 89 4.81 2.76 16.87
CA VAL A 89 4.16 3.08 15.62
C VAL A 89 5.13 2.98 14.45
N ALA A 90 6.30 3.60 14.58
CA ALA A 90 7.21 3.74 13.45
C ALA A 90 7.96 2.46 13.09
N ILE A 91 8.15 1.58 14.07
CA ILE A 91 8.91 0.35 13.86
C ILE A 91 8.21 -0.53 12.82
N PHE A 92 6.90 -0.32 12.68
CA PHE A 92 6.11 -1.00 11.66
C PHE A 92 6.60 -0.60 10.27
N SER A 93 6.83 0.68 10.05
CA SER A 93 7.34 1.18 8.77
C SER A 93 8.75 0.70 8.50
N VAL A 94 9.57 0.66 9.56
CA VAL A 94 10.93 0.15 9.42
C VAL A 94 10.92 -1.29 8.94
N GLY A 95 10.03 -2.10 9.51
CA GLY A 95 9.89 -3.49 9.10
C GLY A 95 9.40 -3.55 7.67
N GLY A 96 8.46 -2.67 7.32
CA GLY A 96 7.93 -2.59 5.97
C GLY A 96 8.99 -2.23 4.95
N MET A 97 9.89 -1.30 5.30
CA MET A 97 11.00 -0.93 4.44
C MET A 97 11.86 -2.15 4.14
N ILE A 98 12.11 -2.95 5.17
CA ILE A 98 12.92 -4.15 5.07
C ILE A 98 12.21 -5.24 4.31
N GLY A 99 10.92 -5.44 4.63
CA GLY A 99 10.12 -6.46 3.98
C GLY A 99 9.92 -6.21 2.50
N SER A 100 9.48 -5.00 2.15
CA SER A 100 9.27 -4.63 0.75
C SER A 100 10.55 -4.79 -0.05
N PHE A 101 11.67 -4.41 0.54
CA PHE A 101 12.93 -4.49 -0.16
C PHE A 101 13.36 -5.95 -0.37
N SER A 102 12.83 -6.85 0.45
CA SER A 102 13.28 -8.24 0.45
C SER A 102 12.45 -9.19 -0.43
N VAL A 103 11.43 -8.67 -1.11
CA VAL A 103 10.55 -9.54 -1.89
C VAL A 103 11.28 -10.30 -2.99
N GLY A 104 12.40 -9.75 -3.45
CA GLY A 104 13.21 -10.41 -4.47
C GLY A 104 13.79 -11.72 -3.96
N LEU A 105 14.07 -11.78 -2.67
CA LEU A 105 14.62 -12.98 -2.05
C LEU A 105 13.63 -14.14 -2.05
N PHE A 106 12.35 -13.83 -2.17
CA PHE A 106 11.32 -14.84 -2.02
C PHE A 106 10.75 -15.30 -3.35
N VAL A 107 10.27 -14.37 -4.17
CA VAL A 107 9.36 -14.72 -5.25
C VAL A 107 10.00 -15.52 -6.37
N ASN A 108 11.32 -15.43 -6.51
CA ASN A 108 12.00 -16.20 -7.54
C ASN A 108 12.44 -17.54 -7.00
N ARG A 109 12.58 -17.63 -5.68
CA ARG A 109 13.01 -18.87 -5.07
C ARG A 109 11.83 -19.79 -4.76
N PHE A 110 10.75 -19.24 -4.24
CA PHE A 110 9.60 -20.04 -3.83
C PHE A 110 8.44 -19.92 -4.81
N GLY A 111 8.47 -18.92 -5.67
CA GLY A 111 7.33 -18.60 -6.49
C GLY A 111 6.50 -17.54 -5.80
N ARG A 112 5.50 -17.02 -6.49
CA ARG A 112 4.69 -15.93 -5.96
C ARG A 112 3.67 -16.45 -4.95
N ARG A 113 2.98 -17.52 -5.31
CA ARG A 113 1.97 -18.07 -4.42
C ARG A 113 2.59 -18.61 -3.14
N ASN A 114 3.65 -19.42 -3.27
CA ASN A 114 4.28 -20.01 -2.09
C ASN A 114 4.90 -18.95 -1.19
N SER A 115 5.35 -17.84 -1.78
CA SER A 115 5.91 -16.75 -0.98
C SER A 115 4.84 -16.20 -0.04
N MET A 116 3.64 -16.00 -0.57
CA MET A 116 2.53 -15.47 0.20
C MET A 116 2.13 -16.43 1.32
N LEU A 117 2.18 -17.72 1.02
CA LEU A 117 1.83 -18.75 2.01
C LEU A 117 2.83 -18.77 3.14
N ILE A 118 4.11 -18.74 2.78
CA ILE A 118 5.20 -18.85 3.73
C ILE A 118 5.24 -17.70 4.74
N VAL A 119 5.10 -16.46 4.25
CA VAL A 119 5.31 -15.29 5.09
C VAL A 119 4.17 -15.09 6.09
N ASN A 120 3.13 -15.93 6.01
CA ASN A 120 2.04 -15.86 6.99
C ASN A 120 2.50 -16.35 8.36
N LEU A 121 3.63 -17.04 8.38
CA LEU A 121 4.29 -17.38 9.64
C LEU A 121 4.71 -16.10 10.37
N LEU A 122 5.06 -15.07 9.60
CA LEU A 122 5.40 -13.77 10.16
C LEU A 122 4.17 -13.07 10.71
N ALA A 123 3.08 -13.11 9.94
CA ALA A 123 1.83 -12.50 10.33
C ALA A 123 1.32 -13.06 11.66
N VAL A 124 1.24 -14.38 11.74
CA VAL A 124 0.79 -15.06 12.96
C VAL A 124 1.72 -14.78 14.13
N THR A 125 3.04 -14.83 13.88
CA THR A 125 4.02 -14.54 14.92
C THR A 125 3.88 -13.11 15.43
N GLY A 126 3.83 -12.16 14.50
CA GLY A 126 3.71 -10.76 14.87
C GLY A 126 2.45 -10.51 15.65
N GLY A 127 1.34 -11.05 15.17
CA GLY A 127 0.06 -10.88 15.83
C GLY A 127 0.02 -11.46 17.23
N CYS A 128 0.70 -12.58 17.43
CA CYS A 128 0.74 -13.20 18.76
C CYS A 128 1.59 -12.38 19.71
N PHE A 129 2.68 -11.79 19.20
CA PHE A 129 3.49 -10.92 20.05
C PHE A 129 2.67 -9.73 20.55
N MET A 130 1.84 -9.18 19.66
CA MET A 130 1.01 -8.05 20.02
C MET A 130 -0.17 -8.46 20.91
N GLY A 131 -0.80 -9.58 20.59
CA GLY A 131 -1.91 -10.09 21.38
C GLY A 131 -1.52 -10.51 22.79
N LEU A 132 -0.23 -10.78 22.99
CA LEU A 132 0.24 -11.34 24.25
C LEU A 132 1.09 -10.38 25.06
N CYS A 133 1.45 -9.25 24.48
CA CYS A 133 2.38 -8.34 25.12
C CYS A 133 1.81 -7.81 26.45
N LYS A 134 0.50 -7.56 26.49
CA LYS A 134 -0.12 -7.05 27.71
C LYS A 134 -0.05 -8.06 28.86
N VAL A 135 -0.56 -9.27 28.64
CA VAL A 135 -0.55 -10.27 29.69
C VAL A 135 0.88 -10.65 30.06
N ALA A 136 1.81 -10.45 29.13
CA ALA A 136 3.21 -10.74 29.38
C ALA A 136 3.90 -9.52 30.00
N LYS A 137 3.16 -8.42 30.10
CA LYS A 137 3.68 -7.16 30.61
C LYS A 137 5.00 -6.80 29.92
N SER A 138 4.98 -6.75 28.60
CA SER A 138 6.21 -6.58 27.84
C SER A 138 6.03 -5.54 26.76
N VAL A 139 6.65 -4.37 26.96
CA VAL A 139 6.67 -3.33 25.94
C VAL A 139 7.51 -3.81 24.76
N GLU A 140 8.56 -4.55 25.06
CA GLU A 140 9.42 -5.13 24.03
C GLU A 140 8.63 -6.00 23.05
N MET A 141 7.74 -6.85 23.58
CA MET A 141 6.92 -7.72 22.73
C MET A 141 6.01 -6.93 21.82
N LEU A 142 5.50 -5.81 22.32
CA LEU A 142 4.68 -4.93 21.49
C LEU A 142 5.50 -4.37 20.33
N ILE A 143 6.68 -3.85 20.64
CA ILE A 143 7.56 -3.29 19.62
C ILE A 143 7.97 -4.36 18.62
N LEU A 144 8.33 -5.53 19.14
CA LEU A 144 8.74 -6.66 18.31
C LEU A 144 7.59 -7.12 17.43
N GLY A 145 6.39 -7.17 18.01
CA GLY A 145 5.21 -7.51 17.25
C GLY A 145 5.01 -6.59 16.06
N ARG A 146 5.14 -5.29 16.29
CA ARG A 146 4.93 -4.30 15.25
C ARG A 146 6.04 -4.38 14.18
N LEU A 147 7.26 -4.66 14.61
CA LEU A 147 8.35 -4.87 13.67
C LEU A 147 8.08 -6.07 12.77
N VAL A 148 7.74 -7.20 13.36
CA VAL A 148 7.50 -8.43 12.62
C VAL A 148 6.29 -8.29 11.69
N ILE A 149 5.21 -7.68 12.17
CA ILE A 149 4.03 -7.50 11.31
C ILE A 149 4.33 -6.45 10.24
N GLY A 150 5.30 -5.59 10.53
CA GLY A 150 5.81 -4.66 9.53
C GLY A 150 6.53 -5.42 8.42
N LEU A 151 7.37 -6.37 8.79
CA LEU A 151 8.07 -7.21 7.82
C LEU A 151 7.08 -7.92 6.91
N PHE A 152 6.05 -8.51 7.52
CA PHE A 152 5.00 -9.20 6.78
C PHE A 152 4.29 -8.28 5.79
N CYS A 153 3.83 -7.12 6.26
CA CYS A 153 3.06 -6.23 5.41
C CYS A 153 3.89 -5.65 4.27
N GLY A 154 5.16 -5.40 4.53
CA GLY A 154 6.09 -4.95 3.50
C GLY A 154 6.29 -5.98 2.40
N LEU A 155 6.36 -7.25 2.79
CA LEU A 155 6.47 -8.33 1.81
C LEU A 155 5.16 -8.42 1.01
N CYS A 156 4.05 -8.26 1.70
CA CYS A 156 2.72 -8.27 1.08
C CYS A 156 2.53 -7.19 0.02
N THR A 157 2.97 -5.97 0.32
CA THR A 157 2.72 -4.87 -0.61
C THR A 157 3.48 -5.11 -1.90
N GLY A 158 4.47 -6.00 -1.85
CA GLY A 158 5.22 -6.41 -3.02
C GLY A 158 4.64 -7.66 -3.66
N PHE A 159 4.37 -8.68 -2.84
CA PHE A 159 3.84 -9.96 -3.33
C PHE A 159 2.53 -9.81 -4.08
N VAL A 160 1.59 -9.06 -3.49
CA VAL A 160 0.23 -9.07 -3.99
C VAL A 160 0.05 -8.45 -5.38
N PRO A 161 0.57 -7.20 -5.61
CA PRO A 161 0.42 -6.68 -6.98
C PRO A 161 1.25 -7.45 -8.00
N MET A 162 2.31 -8.11 -7.55
CA MET A 162 3.11 -8.92 -8.46
C MET A 162 2.30 -10.12 -8.92
N TYR A 163 1.62 -10.76 -7.98
CA TYR A 163 0.81 -11.94 -8.27
C TYR A 163 -0.38 -11.60 -9.14
N ILE A 164 -1.09 -10.54 -8.77
CA ILE A 164 -2.28 -10.11 -9.50
C ILE A 164 -1.89 -9.65 -10.90
N GLY A 165 -0.74 -8.99 -11.00
CA GLY A 165 -0.28 -8.48 -12.27
C GLY A 165 0.05 -9.60 -13.23
N GLU A 166 0.50 -10.72 -12.68
CA GLU A 166 0.95 -11.83 -13.51
C GLU A 166 -0.14 -12.85 -13.83
N ILE A 167 -1.31 -12.74 -13.19
CA ILE A 167 -2.36 -13.71 -13.48
C ILE A 167 -3.59 -13.07 -14.13
N SER A 168 -3.63 -11.74 -14.11
CA SER A 168 -4.74 -11.00 -14.71
C SER A 168 -4.68 -11.01 -16.23
N PRO A 169 -5.86 -11.12 -16.88
CA PRO A 169 -5.94 -10.83 -18.31
C PRO A 169 -5.43 -9.42 -18.56
N THR A 170 -4.78 -9.21 -19.70
CA THR A 170 -4.18 -7.92 -20.01
C THR A 170 -5.21 -6.79 -19.98
N ALA A 171 -6.40 -7.04 -20.53
CA ALA A 171 -7.44 -6.01 -20.60
C ALA A 171 -8.02 -5.61 -19.23
N LEU A 172 -7.75 -6.39 -18.19
CA LEU A 172 -8.30 -6.10 -16.87
C LEU A 172 -7.21 -5.98 -15.81
N ARG A 173 -5.95 -5.93 -16.26
CA ARG A 173 -4.82 -5.88 -15.33
C ARG A 173 -4.89 -4.68 -14.37
N GLY A 174 -5.33 -3.53 -14.85
CA GLY A 174 -5.46 -2.36 -14.00
C GLY A 174 -6.62 -2.47 -13.02
N ALA A 175 -7.78 -2.90 -13.51
CA ALA A 175 -8.95 -3.07 -12.67
C ALA A 175 -8.68 -4.08 -11.55
N PHE A 176 -8.12 -5.23 -11.90
CA PHE A 176 -7.79 -6.23 -10.91
C PHE A 176 -6.68 -5.76 -9.99
N GLY A 177 -5.76 -4.97 -10.52
CA GLY A 177 -4.69 -4.41 -9.71
C GLY A 177 -5.21 -3.40 -8.69
N THR A 178 -6.37 -2.80 -9.00
CA THR A 178 -7.02 -1.85 -8.09
C THR A 178 -7.64 -2.58 -6.87
N LEU A 179 -7.88 -3.88 -7.00
CA LEU A 179 -8.44 -4.68 -5.91
C LEU A 179 -7.46 -4.78 -4.74
N ASN A 180 -6.17 -4.67 -5.05
CA ASN A 180 -5.14 -4.53 -4.02
C ASN A 180 -5.40 -3.32 -3.12
N GLN A 181 -5.55 -2.15 -3.72
CA GLN A 181 -5.84 -0.95 -2.94
C GLN A 181 -7.19 -1.06 -2.23
N LEU A 182 -8.17 -1.66 -2.91
CA LEU A 182 -9.50 -1.82 -2.30
C LEU A 182 -9.41 -2.62 -1.00
N GLY A 183 -8.60 -3.67 -0.99
CA GLY A 183 -8.39 -4.45 0.22
C GLY A 183 -7.70 -3.62 1.31
N ILE A 184 -6.75 -2.78 0.89
CA ILE A 184 -6.04 -1.93 1.82
C ILE A 184 -6.99 -0.97 2.53
N VAL A 185 -7.82 -0.27 1.77
CA VAL A 185 -8.73 0.71 2.35
C VAL A 185 -9.86 0.05 3.16
N VAL A 186 -10.24 -1.17 2.78
CA VAL A 186 -11.21 -1.92 3.57
C VAL A 186 -10.53 -2.36 4.88
N GLY A 187 -9.26 -2.73 4.79
CA GLY A 187 -8.45 -2.97 5.98
C GLY A 187 -8.47 -1.78 6.93
N ILE A 188 -8.14 -0.60 6.43
CA ILE A 188 -8.15 0.62 7.22
C ILE A 188 -9.53 0.89 7.84
N LEU A 189 -10.58 0.77 7.04
CA LEU A 189 -11.95 1.01 7.52
C LEU A 189 -12.33 0.05 8.64
N VAL A 190 -12.03 -1.24 8.45
CA VAL A 190 -12.31 -2.23 9.48
C VAL A 190 -11.50 -1.90 10.76
N ALA A 191 -10.26 -1.51 10.58
CA ALA A 191 -9.42 -1.08 11.71
C ALA A 191 -10.05 0.09 12.48
N GLN A 192 -10.61 1.05 11.76
CA GLN A 192 -11.27 2.20 12.38
C GLN A 192 -12.49 1.77 13.17
N ILE A 193 -13.25 0.84 12.60
CA ILE A 193 -14.49 0.40 13.21
C ILE A 193 -14.21 -0.45 14.45
N PHE A 194 -13.27 -1.37 14.35
CA PHE A 194 -12.89 -2.20 15.50
C PHE A 194 -12.35 -1.28 16.61
N GLY A 195 -11.64 -0.24 16.20
CA GLY A 195 -11.00 0.68 17.13
C GLY A 195 -11.94 1.49 18.00
N LEU A 196 -13.22 1.47 17.66
CA LEU A 196 -14.23 2.07 18.51
C LEU A 196 -14.20 1.45 19.91
N GLU A 197 -14.40 2.28 20.92
CA GLU A 197 -14.24 1.87 22.30
C GLU A 197 -15.24 0.77 22.67
N PHE A 198 -16.41 0.79 22.05
CA PHE A 198 -17.43 -0.22 22.35
C PHE A 198 -17.27 -1.46 21.47
N ILE A 199 -16.18 -1.54 20.73
CA ILE A 199 -15.85 -2.75 19.99
C ILE A 199 -14.66 -3.53 20.54
N LEU A 200 -13.44 -3.13 20.16
CA LEU A 200 -12.24 -3.80 20.63
C LEU A 200 -11.26 -2.74 21.17
N GLY A 201 -11.62 -1.48 21.02
CA GLY A 201 -10.74 -0.39 21.40
C GLY A 201 -10.84 0.04 22.86
N SER A 202 -10.89 -0.93 23.76
CA SER A 202 -10.96 -0.62 25.20
C SER A 202 -9.68 -1.06 25.92
N GLU A 203 -9.57 -0.66 27.17
CA GLU A 203 -8.41 -1.03 27.98
C GLU A 203 -8.35 -2.54 28.23
N GLU A 204 -9.45 -3.25 27.98
CA GLU A 204 -9.46 -4.69 28.22
C GLU A 204 -9.10 -5.45 26.96
N LEU A 205 -9.66 -5.03 25.84
CA LEU A 205 -9.64 -5.82 24.61
C LEU A 205 -8.66 -5.34 23.53
N TRP A 206 -7.92 -4.26 23.79
CA TRP A 206 -6.99 -3.79 22.75
C TRP A 206 -5.91 -4.79 22.34
N PRO A 207 -5.50 -5.73 23.23
CA PRO A 207 -4.61 -6.75 22.70
C PRO A 207 -5.26 -7.58 21.59
N LEU A 208 -6.59 -7.70 21.63
CA LEU A 208 -7.31 -8.45 20.62
C LEU A 208 -7.45 -7.64 19.34
N LEU A 209 -7.57 -6.33 19.51
CA LEU A 209 -7.58 -5.39 18.40
C LEU A 209 -6.33 -5.55 17.54
N LEU A 210 -5.19 -5.72 18.20
CA LEU A 210 -3.93 -5.92 17.48
C LEU A 210 -3.77 -7.37 17.01
N GLY A 211 -4.18 -8.30 17.86
CA GLY A 211 -4.01 -9.71 17.58
C GLY A 211 -4.95 -10.22 16.49
N PHE A 212 -5.96 -9.41 16.16
CA PHE A 212 -6.92 -9.76 15.13
C PHE A 212 -6.24 -10.13 13.82
N THR A 213 -5.07 -9.54 13.59
CA THR A 213 -4.35 -9.72 12.35
C THR A 213 -4.02 -11.19 12.08
N ILE A 214 -4.04 -12.04 13.12
CA ILE A 214 -3.76 -13.46 12.90
C ILE A 214 -4.90 -14.15 12.16
N LEU A 215 -6.14 -13.69 12.34
CA LEU A 215 -7.29 -14.35 11.73
C LEU A 215 -7.26 -14.34 10.19
N PRO A 216 -7.09 -13.16 9.55
CA PRO A 216 -6.95 -13.16 8.09
C PRO A 216 -5.79 -14.02 7.61
N ALA A 217 -4.72 -14.07 8.39
CA ALA A 217 -3.55 -14.84 8.02
C ALA A 217 -3.84 -16.34 8.03
N ILE A 218 -4.64 -16.78 9.01
CA ILE A 218 -5.04 -18.17 9.06
C ILE A 218 -5.95 -18.50 7.87
N LEU A 219 -6.88 -17.60 7.57
CA LEU A 219 -7.82 -17.81 6.47
C LEU A 219 -7.08 -17.89 5.13
N GLN A 220 -6.18 -16.93 4.91
CA GLN A 220 -5.45 -16.87 3.65
C GLN A 220 -4.54 -18.09 3.48
N SER A 221 -3.94 -18.53 4.57
CA SER A 221 -3.04 -19.67 4.53
C SER A 221 -3.78 -20.95 4.14
N ALA A 222 -5.05 -21.04 4.53
CA ALA A 222 -5.85 -22.21 4.23
C ALA A 222 -6.27 -22.23 2.78
N ALA A 223 -6.42 -21.05 2.20
CA ALA A 223 -6.93 -20.92 0.83
C ALA A 223 -5.81 -20.89 -0.20
N LEU A 224 -4.62 -20.45 0.19
CA LEU A 224 -3.52 -20.26 -0.74
C LEU A 224 -3.04 -21.53 -1.47
N PRO A 225 -3.04 -22.72 -0.83
CA PRO A 225 -2.66 -23.90 -1.62
C PRO A 225 -3.56 -24.15 -2.81
N PHE A 226 -4.80 -23.69 -2.75
CA PHE A 226 -5.76 -23.93 -3.83
C PHE A 226 -5.75 -22.84 -4.90
N CYS A 227 -4.86 -21.86 -4.72
CA CYS A 227 -4.63 -20.83 -5.73
C CYS A 227 -3.51 -21.29 -6.68
N PRO A 228 -3.62 -20.92 -7.96
CA PRO A 228 -2.55 -21.29 -8.89
C PRO A 228 -1.27 -20.49 -8.65
N GLU A 229 -0.15 -21.07 -9.05
CA GLU A 229 1.07 -20.29 -9.15
C GLU A 229 0.89 -19.38 -10.36
N SER A 230 1.60 -18.25 -10.39
CA SER A 230 1.64 -17.41 -11.59
C SER A 230 2.04 -18.21 -12.82
N PRO A 231 1.16 -18.27 -13.82
CA PRO A 231 1.51 -18.98 -15.07
C PRO A 231 2.71 -18.33 -15.75
N ARG A 232 2.91 -17.04 -15.50
CA ARG A 232 4.07 -16.32 -16.03
C ARG A 232 5.34 -16.83 -15.35
N PHE A 233 5.26 -17.02 -14.05
CA PHE A 233 6.38 -17.58 -13.30
C PHE A 233 6.67 -19.01 -13.75
N LEU A 234 5.61 -19.80 -13.95
CA LEU A 234 5.76 -21.18 -14.40
C LEU A 234 6.41 -21.26 -15.77
N LEU A 235 5.89 -20.51 -16.74
CA LEU A 235 6.41 -20.59 -18.11
C LEU A 235 7.79 -19.95 -18.20
N ILE A 236 7.89 -18.69 -17.81
CA ILE A 236 9.11 -17.91 -18.04
C ILE A 236 10.26 -18.26 -17.09
N ASN A 237 9.97 -18.34 -15.80
CA ASN A 237 11.04 -18.65 -14.84
C ASN A 237 11.39 -20.13 -14.81
N ARG A 238 10.37 -20.98 -14.81
CA ARG A 238 10.60 -22.41 -14.64
C ARG A 238 10.48 -23.22 -15.95
N LYS A 239 10.29 -22.54 -17.07
CA LYS A 239 10.22 -23.18 -18.40
C LYS A 239 9.16 -24.31 -18.49
N GLU A 240 8.08 -24.19 -17.73
CA GLU A 240 7.01 -25.18 -17.77
C GLU A 240 5.82 -24.65 -18.59
N GLU A 241 5.96 -24.71 -19.90
CA GLU A 241 4.98 -24.11 -20.81
C GLU A 241 3.58 -24.76 -20.73
N GLU A 242 3.55 -26.08 -20.65
CA GLU A 242 2.30 -26.82 -20.65
C GLU A 242 1.53 -26.59 -19.37
N ASN A 243 2.23 -26.59 -18.25
CA ASN A 243 1.61 -26.25 -16.97
C ASN A 243 1.00 -24.86 -16.99
N ALA A 244 1.76 -23.90 -17.51
CA ALA A 244 1.30 -22.51 -17.56
C ALA A 244 0.04 -22.41 -18.40
N LYS A 245 0.05 -23.05 -19.56
CA LYS A 245 -1.06 -22.94 -20.49
C LYS A 245 -2.35 -23.50 -19.89
N GLN A 246 -2.23 -24.65 -19.23
CA GLN A 246 -3.37 -25.28 -18.57
C GLN A 246 -3.94 -24.39 -17.48
N ILE A 247 -3.06 -23.74 -16.72
CA ILE A 247 -3.51 -22.81 -15.70
C ILE A 247 -4.26 -21.64 -16.32
N LEU A 248 -3.73 -21.11 -17.42
CA LEU A 248 -4.36 -19.98 -18.07
C LEU A 248 -5.74 -20.36 -18.55
N GLN A 249 -5.85 -21.54 -19.13
CA GLN A 249 -7.09 -21.97 -19.74
C GLN A 249 -8.19 -22.10 -18.69
N ARG A 250 -7.85 -22.60 -17.52
CA ARG A 250 -8.82 -22.68 -16.43
C ARG A 250 -9.13 -21.28 -15.86
N LEU A 251 -8.10 -20.52 -15.53
CA LEU A 251 -8.27 -19.19 -14.93
C LEU A 251 -9.12 -18.24 -15.77
N TRP A 252 -8.94 -18.29 -17.08
CA TRP A 252 -9.60 -17.34 -17.97
C TRP A 252 -10.78 -17.99 -18.70
N GLY A 253 -11.02 -19.26 -18.43
CA GLY A 253 -12.17 -19.95 -18.99
C GLY A 253 -12.20 -20.01 -20.51
N THR A 254 -11.06 -20.30 -21.10
CA THR A 254 -11.01 -20.52 -22.55
C THR A 254 -9.81 -21.37 -22.94
N GLN A 255 -9.99 -22.18 -23.97
CA GLN A 255 -8.91 -23.02 -24.49
C GLN A 255 -7.92 -22.21 -25.31
N ASP A 256 -8.39 -21.10 -25.86
CA ASP A 256 -7.57 -20.29 -26.77
C ASP A 256 -6.80 -19.21 -26.01
N VAL A 257 -5.54 -19.50 -25.70
CA VAL A 257 -4.66 -18.57 -24.99
C VAL A 257 -3.31 -18.38 -25.71
N SER A 258 -3.30 -18.64 -27.02
CA SER A 258 -2.07 -18.59 -27.82
C SER A 258 -1.39 -17.23 -27.81
N GLN A 259 -2.18 -16.16 -27.92
CA GLN A 259 -1.66 -14.80 -27.86
C GLN A 259 -0.83 -14.57 -26.60
N ASP A 260 -1.41 -14.93 -25.45
CA ASP A 260 -0.77 -14.71 -24.16
C ASP A 260 0.44 -15.61 -23.95
N ILE A 261 0.31 -16.88 -24.34
CA ILE A 261 1.39 -17.84 -24.25
C ILE A 261 2.61 -17.42 -25.06
N GLN A 262 2.37 -16.93 -26.27
CA GLN A 262 3.46 -16.54 -27.15
C GLN A 262 4.12 -15.26 -26.65
N GLU A 263 3.35 -14.38 -26.03
CA GLU A 263 3.91 -13.19 -25.39
C GLU A 263 4.85 -13.61 -24.27
N MET A 264 4.45 -14.63 -23.50
CA MET A 264 5.25 -15.14 -22.40
C MET A 264 6.52 -15.84 -22.90
N LYS A 265 6.43 -16.52 -24.04
CA LYS A 265 7.60 -17.15 -24.64
C LYS A 265 8.58 -16.10 -25.17
N ASP A 266 8.03 -15.02 -25.73
CA ASP A 266 8.82 -13.84 -26.07
C ASP A 266 9.56 -13.29 -24.84
N GLU A 267 8.85 -13.14 -23.72
CA GLU A 267 9.49 -12.68 -22.49
C GLU A 267 10.53 -13.67 -21.98
N SER A 268 10.30 -14.95 -22.22
CA SER A 268 11.22 -15.99 -21.79
C SER A 268 12.52 -15.90 -22.56
N ALA A 269 12.43 -15.66 -23.86
CA ALA A 269 13.61 -15.53 -24.71
C ALA A 269 14.43 -14.31 -24.29
N ARG A 270 13.74 -13.21 -24.01
CA ARG A 270 14.37 -11.99 -23.51
C ARG A 270 15.15 -12.24 -22.22
N MET A 271 14.49 -12.86 -21.25
CA MET A 271 15.09 -13.11 -19.95
C MET A 271 16.34 -13.99 -20.06
N SER A 272 16.30 -14.97 -20.96
CA SER A 272 17.44 -15.85 -21.14
C SER A 272 18.60 -15.14 -21.83
N GLN A 273 18.31 -14.00 -22.44
CA GLN A 273 19.34 -13.24 -23.16
C GLN A 273 19.89 -12.07 -22.33
N GLU A 274 19.20 -11.74 -21.25
CA GLU A 274 19.65 -10.68 -20.34
C GLU A 274 20.24 -11.26 -19.06
N LYS A 275 21.19 -10.56 -18.48
CA LYS A 275 21.84 -11.01 -17.25
C LYS A 275 20.82 -11.02 -16.11
N GLN A 276 21.06 -11.85 -15.10
CA GLN A 276 20.21 -11.83 -13.91
C GLN A 276 20.16 -10.41 -13.34
N VAL A 277 18.95 -9.90 -13.13
CA VAL A 277 18.79 -8.50 -12.76
C VAL A 277 19.05 -8.25 -11.28
N THR A 278 19.92 -7.29 -10.99
CA THR A 278 20.12 -6.84 -9.61
C THR A 278 19.52 -5.46 -9.41
N VAL A 279 19.35 -5.10 -8.15
CA VAL A 279 18.79 -3.80 -7.78
C VAL A 279 19.62 -2.66 -8.34
N LEU A 280 20.93 -2.74 -8.16
CA LEU A 280 21.82 -1.70 -8.63
C LEU A 280 21.79 -1.60 -10.15
N GLU A 281 21.60 -2.73 -10.82
CA GLU A 281 21.58 -2.77 -12.28
C GLU A 281 20.46 -1.91 -12.87
N LEU A 282 19.34 -1.83 -12.16
CA LEU A 282 18.19 -1.04 -12.61
C LEU A 282 18.52 0.43 -12.83
N PHE A 283 19.51 0.93 -12.09
CA PHE A 283 19.85 2.34 -12.17
C PHE A 283 21.01 2.56 -13.13
N ARG A 284 21.57 1.46 -13.61
CA ARG A 284 22.70 1.46 -14.51
C ARG A 284 22.23 1.36 -15.95
N VAL A 285 21.35 0.43 -16.22
CA VAL A 285 20.83 0.16 -17.54
C VAL A 285 19.82 1.20 -17.97
N SER A 286 20.10 1.87 -19.08
CA SER A 286 19.23 2.90 -19.61
C SER A 286 17.79 2.38 -19.78
N SER A 287 17.65 1.18 -20.35
CA SER A 287 16.34 0.58 -20.53
C SER A 287 15.59 0.38 -19.20
N TYR A 288 16.34 0.22 -18.11
CA TYR A 288 15.73 -0.01 -16.80
C TYR A 288 15.55 1.30 -16.01
N ARG A 289 16.34 2.31 -16.35
CA ARG A 289 16.35 3.54 -15.56
C ARG A 289 15.05 4.33 -15.70
N GLN A 290 14.56 4.46 -16.92
CA GLN A 290 13.31 5.17 -17.18
C GLN A 290 12.13 4.55 -16.42
N PRO A 291 11.94 3.22 -16.50
CA PRO A 291 10.78 2.73 -15.75
C PRO A 291 10.99 2.73 -14.23
N ILE A 292 12.21 2.54 -13.75
CA ILE A 292 12.40 2.53 -12.30
C ILE A 292 12.26 3.95 -11.73
N ILE A 293 12.72 4.96 -12.46
CA ILE A 293 12.57 6.34 -12.01
C ILE A 293 11.10 6.70 -11.97
N ILE A 294 10.37 6.35 -13.04
CA ILE A 294 8.92 6.48 -13.05
C ILE A 294 8.28 5.73 -11.88
N SER A 295 8.68 4.47 -11.67
CA SER A 295 8.14 3.66 -10.59
C SER A 295 8.34 4.31 -9.22
N ILE A 296 9.57 4.75 -8.97
CA ILE A 296 9.91 5.39 -7.71
C ILE A 296 9.16 6.71 -7.53
N VAL A 297 9.19 7.56 -8.56
CA VAL A 297 8.52 8.86 -8.48
C VAL A 297 7.04 8.70 -8.18
N LEU A 298 6.42 7.72 -8.82
CA LEU A 298 5.00 7.48 -8.63
C LEU A 298 4.68 6.99 -7.22
N GLN A 299 5.63 6.35 -6.56
CA GLN A 299 5.44 5.96 -5.16
C GLN A 299 5.49 7.22 -4.30
N LEU A 300 6.45 8.09 -4.58
CA LEU A 300 6.57 9.34 -3.83
C LEU A 300 5.31 10.18 -4.01
N SER A 301 4.73 10.16 -5.20
CA SER A 301 3.53 10.94 -5.47
C SER A 301 2.36 10.45 -4.61
N GLN A 302 2.35 9.16 -4.30
CA GLN A 302 1.35 8.61 -3.40
C GLN A 302 1.58 9.08 -1.97
N GLN A 303 2.79 8.86 -1.47
CA GLN A 303 3.10 9.18 -0.08
C GLN A 303 3.30 10.68 0.14
N LEU A 304 4.00 11.35 -0.76
CA LEU A 304 4.22 12.79 -0.59
C LEU A 304 3.02 13.64 -0.99
N SER A 305 1.88 12.99 -1.23
CA SER A 305 0.61 13.69 -1.35
C SER A 305 0.13 14.22 0.00
N GLY A 306 0.62 13.60 1.07
CA GLY A 306 0.22 13.93 2.41
C GLY A 306 -0.94 13.08 2.93
N ILE A 307 -1.31 12.05 2.17
CA ILE A 307 -2.52 11.25 2.46
C ILE A 307 -2.54 10.73 3.90
N ASN A 308 -1.42 10.19 4.37
CA ASN A 308 -1.38 9.63 5.72
C ASN A 308 -1.28 10.72 6.80
N ALA A 309 -0.72 11.88 6.45
CA ALA A 309 -0.73 13.02 7.36
C ALA A 309 -2.15 13.53 7.51
N VAL A 310 -2.81 13.76 6.38
CA VAL A 310 -4.20 14.20 6.36
C VAL A 310 -5.14 13.24 7.10
N PHE A 311 -5.07 11.96 6.75
CA PHE A 311 -5.93 10.95 7.37
C PHE A 311 -5.75 10.83 8.87
N TYR A 312 -4.50 10.81 9.32
CA TYR A 312 -4.21 10.68 10.74
C TYR A 312 -4.66 11.91 11.54
N TYR A 313 -4.31 13.09 11.05
CA TYR A 313 -4.62 14.32 11.77
C TYR A 313 -6.02 14.83 11.44
N SER A 314 -6.77 14.09 10.63
CA SER A 314 -8.11 14.54 10.25
C SER A 314 -9.01 14.71 11.48
N THR A 315 -8.86 13.81 12.43
CA THR A 315 -9.67 13.83 13.65
C THR A 315 -9.44 15.14 14.40
N GLY A 316 -8.19 15.51 14.58
CA GLY A 316 -7.85 16.76 15.24
C GLY A 316 -8.31 17.99 14.46
N ILE A 317 -8.21 17.94 13.14
CA ILE A 317 -8.58 19.07 12.30
C ILE A 317 -10.10 19.22 12.26
N PHE A 318 -10.79 18.11 12.05
CA PHE A 318 -12.25 18.06 12.15
C PHE A 318 -12.72 18.71 13.46
N LYS A 319 -12.12 18.30 14.56
CA LYS A 319 -12.48 18.81 15.88
C LYS A 319 -12.22 20.31 15.96
N ASP A 320 -11.07 20.74 15.47
CA ASP A 320 -10.73 22.15 15.52
C ASP A 320 -11.64 22.97 14.62
N ALA A 321 -12.18 22.34 13.57
CA ALA A 321 -13.13 23.00 12.69
C ALA A 321 -14.54 22.96 13.26
N GLY A 322 -14.71 22.29 14.40
CA GLY A 322 -15.98 22.30 15.08
C GLY A 322 -16.86 21.07 14.94
N VAL A 323 -16.35 20.01 14.30
CA VAL A 323 -17.11 18.77 14.25
C VAL A 323 -17.31 18.26 15.68
N GLN A 324 -18.56 18.10 16.09
CA GLN A 324 -18.86 17.72 17.47
C GLN A 324 -18.46 16.28 17.76
N GLU A 325 -18.45 15.43 16.74
CA GLU A 325 -18.02 14.04 16.89
C GLU A 325 -16.99 13.67 15.84
N PRO A 326 -15.75 14.13 16.04
CA PRO A 326 -14.70 14.05 15.00
C PRO A 326 -14.28 12.63 14.66
N ILE A 327 -14.54 11.67 15.54
CA ILE A 327 -14.19 10.28 15.27
C ILE A 327 -15.09 9.72 14.18
N TYR A 328 -16.39 10.02 14.26
CA TYR A 328 -17.34 9.55 13.27
C TYR A 328 -17.11 10.20 11.90
N ALA A 329 -16.59 11.43 11.90
CA ALA A 329 -16.23 12.08 10.65
C ALA A 329 -15.01 11.39 10.01
N THR A 330 -14.08 10.95 10.85
CA THR A 330 -12.89 10.27 10.35
C THR A 330 -13.24 8.88 9.80
N ILE A 331 -14.24 8.25 10.41
CA ILE A 331 -14.73 6.99 9.87
C ILE A 331 -15.42 7.30 8.54
N GLY A 332 -16.17 8.40 8.51
CA GLY A 332 -16.74 8.91 7.28
C GLY A 332 -15.72 9.08 6.16
N ALA A 333 -14.55 9.58 6.51
CA ALA A 333 -13.44 9.71 5.58
C ALA A 333 -13.00 8.33 5.05
N GLY A 334 -12.98 7.34 5.95
CA GLY A 334 -12.57 6.00 5.63
C GLY A 334 -13.57 5.34 4.70
N VAL A 335 -14.84 5.68 4.87
CA VAL A 335 -15.89 5.26 3.96
C VAL A 335 -15.72 5.93 2.59
N VAL A 336 -15.46 7.23 2.58
CA VAL A 336 -15.16 7.95 1.35
C VAL A 336 -13.94 7.32 0.71
N ASN A 337 -12.98 6.92 1.53
CA ASN A 337 -11.75 6.29 1.07
C ASN A 337 -12.06 5.03 0.26
N THR A 338 -13.07 4.28 0.70
CA THR A 338 -13.43 3.00 0.10
C THR A 338 -14.27 3.17 -1.17
N ILE A 339 -15.28 4.02 -1.07
CA ILE A 339 -16.17 4.28 -2.18
C ILE A 339 -15.41 4.73 -3.44
N PHE A 340 -14.47 5.65 -3.29
CA PHE A 340 -13.77 6.15 -4.47
C PHE A 340 -12.64 5.23 -4.95
N THR A 341 -12.27 4.23 -4.16
CA THR A 341 -11.38 3.19 -4.68
C THR A 341 -12.17 2.35 -5.65
N VAL A 342 -13.43 2.11 -5.33
CA VAL A 342 -14.30 1.33 -6.20
C VAL A 342 -14.59 2.10 -7.48
N VAL A 343 -14.68 3.42 -7.38
CA VAL A 343 -14.87 4.26 -8.55
C VAL A 343 -13.66 4.15 -9.48
N SER A 344 -12.47 4.21 -8.90
CA SER A 344 -11.23 4.06 -9.66
C SER A 344 -11.20 2.73 -10.42
N LEU A 345 -11.65 1.67 -9.74
CA LEU A 345 -11.68 0.33 -10.30
C LEU A 345 -12.48 0.26 -11.59
N PHE A 346 -13.62 0.95 -11.63
CA PHE A 346 -14.50 0.90 -12.79
C PHE A 346 -14.11 1.92 -13.84
N LEU A 347 -13.10 2.72 -13.53
CA LEU A 347 -12.66 3.78 -14.43
C LEU A 347 -11.24 3.62 -14.97
N VAL A 348 -10.40 2.79 -14.35
CA VAL A 348 -9.01 2.74 -14.79
C VAL A 348 -8.72 2.08 -16.15
N GLU A 349 -9.59 1.20 -16.62
CA GLU A 349 -9.38 0.62 -17.94
C GLU A 349 -9.98 1.50 -19.03
N ARG A 350 -10.93 2.34 -18.65
CA ARG A 350 -11.57 3.20 -19.64
C ARG A 350 -10.79 4.50 -19.78
N ALA A 351 -10.47 5.09 -18.64
CA ALA A 351 -9.78 6.38 -18.60
C ALA A 351 -8.26 6.22 -18.73
N GLY A 352 -7.75 5.05 -18.36
CA GLY A 352 -6.31 4.84 -18.39
C GLY A 352 -5.63 5.32 -17.11
N ARG A 353 -4.41 4.86 -16.88
CA ARG A 353 -3.70 5.16 -15.65
C ARG A 353 -3.31 6.65 -15.57
N ARG A 354 -2.84 7.19 -16.70
CA ARG A 354 -2.39 8.59 -16.76
C ARG A 354 -3.48 9.55 -16.30
N THR A 355 -4.63 9.47 -16.95
CA THR A 355 -5.72 10.38 -16.66
C THR A 355 -6.12 10.33 -15.18
N LEU A 356 -6.36 9.13 -14.67
CA LEU A 356 -6.77 8.96 -13.28
C LEU A 356 -5.72 9.44 -12.29
N HIS A 357 -4.45 9.14 -12.56
CA HIS A 357 -3.41 9.60 -11.65
C HIS A 357 -3.32 11.13 -11.63
N MET A 358 -3.48 11.77 -12.80
CA MET A 358 -3.36 13.21 -12.91
C MET A 358 -4.54 13.96 -12.31
N ILE A 359 -5.74 13.44 -12.54
CA ILE A 359 -6.94 13.99 -11.91
C ILE A 359 -6.82 13.99 -10.39
N GLY A 360 -6.35 12.86 -9.84
CA GLY A 360 -6.19 12.71 -8.41
C GLY A 360 -5.15 13.63 -7.82
N LEU A 361 -3.98 13.71 -8.46
CA LEU A 361 -2.94 14.63 -8.01
C LEU A 361 -3.43 16.09 -8.09
N GLY A 362 -4.09 16.42 -9.21
CA GLY A 362 -4.57 17.76 -9.41
C GLY A 362 -5.66 18.14 -8.42
N GLY A 363 -6.60 17.24 -8.20
CA GLY A 363 -7.67 17.45 -7.25
C GLY A 363 -7.16 17.56 -5.82
N MET A 364 -6.17 16.73 -5.49
CA MET A 364 -5.55 16.81 -4.17
C MET A 364 -4.82 18.14 -3.96
N ALA A 365 -4.20 18.66 -5.04
CA ALA A 365 -3.54 19.96 -4.98
C ALA A 365 -4.53 21.04 -4.64
N PHE A 366 -5.72 20.96 -5.23
CA PHE A 366 -6.77 21.92 -4.98
C PHE A 366 -7.21 21.89 -3.53
N CYS A 367 -7.41 20.68 -3.00
CA CYS A 367 -7.91 20.46 -1.65
C CYS A 367 -6.92 20.77 -0.54
N SER A 368 -5.67 20.36 -0.71
CA SER A 368 -4.63 20.68 0.26
C SER A 368 -4.43 22.19 0.33
N THR A 369 -4.50 22.86 -0.82
CA THR A 369 -4.47 24.31 -0.86
C THR A 369 -5.63 24.90 -0.07
N LEU A 370 -6.81 24.33 -0.30
CA LEU A 370 -8.04 24.76 0.32
C LEU A 370 -8.03 24.49 1.84
N MET A 371 -7.34 23.42 2.26
CA MET A 371 -7.14 23.18 3.69
C MET A 371 -6.35 24.30 4.34
N THR A 372 -5.28 24.71 3.69
CA THR A 372 -4.46 25.81 4.20
C THR A 372 -5.25 27.10 4.29
N VAL A 373 -5.93 27.47 3.21
CA VAL A 373 -6.71 28.69 3.16
C VAL A 373 -7.84 28.70 4.20
N SER A 374 -8.58 27.61 4.28
CA SER A 374 -9.70 27.52 5.23
C SER A 374 -9.19 27.58 6.67
N LEU A 375 -8.11 26.88 6.97
CA LEU A 375 -7.54 26.90 8.32
C LEU A 375 -7.01 28.27 8.68
N LEU A 376 -6.51 29.01 7.70
CA LEU A 376 -6.02 30.35 7.96
C LEU A 376 -7.16 31.33 8.23
N LEU A 377 -8.31 31.09 7.63
CA LEU A 377 -9.41 32.06 7.68
C LEU A 377 -10.56 31.67 8.60
N LYS A 378 -10.57 30.45 9.11
CA LYS A 378 -11.76 29.94 9.78
C LYS A 378 -12.11 30.69 11.08
N ASP A 379 -11.09 31.22 11.77
CA ASP A 379 -11.35 31.98 13.00
C ASP A 379 -11.94 33.35 12.72
N ASN A 380 -11.68 33.88 11.51
CA ASN A 380 -12.21 35.20 11.14
C ASN A 380 -13.49 35.08 10.30
N TYR A 381 -13.62 33.97 9.58
CA TYR A 381 -14.80 33.67 8.80
C TYR A 381 -15.25 32.24 9.06
N ASN A 382 -16.21 32.07 9.97
CA ASN A 382 -16.54 30.75 10.50
C ASN A 382 -17.08 29.77 9.46
N GLY A 383 -17.69 30.30 8.40
CA GLY A 383 -18.15 29.47 7.30
C GLY A 383 -17.02 28.67 6.66
N MET A 384 -15.79 29.13 6.82
CA MET A 384 -14.63 28.44 6.27
C MET A 384 -14.34 27.12 7.00
N SER A 385 -14.89 26.98 8.20
CA SER A 385 -14.82 25.71 8.93
C SER A 385 -15.36 24.56 8.10
N PHE A 386 -16.53 24.78 7.52
CA PHE A 386 -17.18 23.74 6.73
C PHE A 386 -16.40 23.46 5.46
N VAL A 387 -15.71 24.47 4.95
CA VAL A 387 -14.88 24.28 3.76
C VAL A 387 -13.72 23.39 4.12
N CYS A 388 -13.13 23.61 5.29
CA CYS A 388 -12.02 22.78 5.75
C CYS A 388 -12.40 21.32 5.90
N ILE A 389 -13.57 21.08 6.51
CA ILE A 389 -14.12 19.73 6.63
C ILE A 389 -14.31 19.09 5.25
N GLY A 390 -14.88 19.85 4.32
CA GLY A 390 -15.11 19.36 2.97
C GLY A 390 -13.83 19.08 2.23
N ALA A 391 -12.84 19.95 2.39
CA ALA A 391 -11.57 19.81 1.69
C ALA A 391 -10.88 18.50 2.04
N ILE A 392 -11.06 18.04 3.27
CA ILE A 392 -10.44 16.80 3.73
C ILE A 392 -11.09 15.58 3.09
N LEU A 393 -12.42 15.57 3.07
CA LEU A 393 -13.17 14.47 2.48
C LEU A 393 -12.88 14.37 0.97
N VAL A 394 -12.95 15.50 0.28
CA VAL A 394 -12.74 15.55 -1.16
C VAL A 394 -11.29 15.22 -1.53
N PHE A 395 -10.34 15.69 -0.72
CA PHE A 395 -8.95 15.28 -0.86
C PHE A 395 -8.85 13.76 -0.90
N VAL A 396 -9.49 13.11 0.05
CA VAL A 396 -9.44 11.66 0.16
C VAL A 396 -10.07 10.99 -1.06
N ALA A 397 -11.15 11.57 -1.57
CA ALA A 397 -11.79 11.05 -2.78
C ALA A 397 -10.85 11.14 -3.97
N PHE A 398 -10.19 12.29 -4.13
CA PHE A 398 -9.27 12.46 -5.24
C PHE A 398 -8.09 11.54 -5.09
N PHE A 399 -7.68 11.28 -3.86
CA PHE A 399 -6.54 10.40 -3.65
C PHE A 399 -6.81 9.00 -4.20
N GLU A 400 -8.02 8.46 -3.98
CA GLU A 400 -8.30 7.09 -4.37
C GLU A 400 -8.73 6.97 -5.83
N ILE A 401 -8.96 8.10 -6.48
CA ILE A 401 -9.26 8.10 -7.90
C ILE A 401 -8.08 7.56 -8.70
N GLY A 402 -6.86 7.84 -8.24
CA GLY A 402 -5.67 7.41 -8.95
C GLY A 402 -4.45 7.13 -8.09
N PRO A 403 -3.94 8.16 -7.40
CA PRO A 403 -2.69 8.06 -6.64
C PRO A 403 -2.71 7.00 -5.53
N GLY A 404 -3.88 6.63 -5.04
CA GLY A 404 -3.99 5.49 -4.14
C GLY A 404 -3.65 4.15 -4.81
N PRO A 405 -4.53 3.69 -5.72
CA PRO A 405 -4.38 2.35 -6.33
C PRO A 405 -3.27 2.21 -7.38
N ILE A 406 -3.12 3.19 -8.26
CA ILE A 406 -2.26 3.02 -9.44
C ILE A 406 -0.78 2.75 -9.10
N PRO A 407 -0.17 3.56 -8.21
CA PRO A 407 1.25 3.27 -7.96
C PRO A 407 1.53 1.87 -7.41
N TRP A 408 0.56 1.24 -6.75
CA TRP A 408 0.82 -0.08 -6.20
C TRP A 408 0.90 -1.16 -7.29
N PHE A 409 0.07 -1.04 -8.33
CA PHE A 409 0.09 -2.06 -9.38
C PHE A 409 0.88 -1.68 -10.63
N ILE A 410 1.13 -0.40 -10.83
CA ILE A 410 1.71 0.02 -12.11
C ILE A 410 3.17 -0.43 -12.26
N VAL A 411 3.88 -0.63 -11.15
CA VAL A 411 5.28 -1.04 -11.24
C VAL A 411 5.40 -2.41 -11.87
N ALA A 412 4.39 -3.24 -11.66
CA ALA A 412 4.37 -4.57 -12.25
C ALA A 412 4.14 -4.46 -13.76
N GLU A 413 3.47 -3.39 -14.17
CA GLU A 413 3.16 -3.12 -15.58
C GLU A 413 4.33 -2.54 -16.36
N LEU A 414 5.28 -1.92 -15.66
CA LEU A 414 6.36 -1.20 -16.32
C LEU A 414 7.57 -2.08 -16.60
N PHE A 415 7.56 -3.31 -16.09
CA PHE A 415 8.69 -4.22 -16.28
C PHE A 415 8.29 -5.58 -16.84
N SER A 416 9.23 -6.23 -17.52
CA SER A 416 9.04 -7.60 -17.97
C SER A 416 9.37 -8.55 -16.82
N GLN A 417 9.25 -9.85 -17.08
CA GLN A 417 9.36 -10.86 -16.04
C GLN A 417 10.67 -10.80 -15.28
N GLY A 418 11.78 -10.64 -16.01
CA GLY A 418 13.11 -10.65 -15.42
C GLY A 418 13.39 -9.60 -14.35
N PRO A 419 13.23 -8.31 -14.68
CA PRO A 419 13.45 -7.19 -13.76
C PRO A 419 12.36 -6.96 -12.71
N ARG A 420 11.16 -7.51 -12.91
CA ARG A 420 10.03 -7.09 -12.08
C ARG A 420 10.21 -7.31 -10.56
N PRO A 421 10.76 -8.46 -10.13
CA PRO A 421 10.92 -8.56 -8.67
C PRO A 421 11.86 -7.51 -8.07
N ALA A 422 13.00 -7.28 -8.71
CA ALA A 422 13.97 -6.33 -8.20
C ALA A 422 13.42 -4.90 -8.24
N ALA A 423 12.63 -4.61 -9.27
CA ALA A 423 12.04 -3.28 -9.43
C ALA A 423 10.99 -3.03 -8.36
N MET A 424 10.19 -4.05 -8.07
CA MET A 424 9.12 -3.90 -7.10
C MET A 424 9.67 -3.90 -5.68
N ALA A 425 10.81 -4.55 -5.49
CA ALA A 425 11.56 -4.41 -4.24
C ALA A 425 11.99 -2.96 -4.01
N VAL A 426 12.58 -2.36 -5.04
CA VAL A 426 13.07 -0.98 -5.00
C VAL A 426 11.95 0.05 -4.92
N ALA A 427 10.95 -0.10 -5.77
CA ALA A 427 9.80 0.81 -5.74
C ALA A 427 9.07 0.70 -4.41
N GLY A 428 8.78 -0.54 -4.00
CA GLY A 428 8.05 -0.78 -2.78
C GLY A 428 8.77 -0.19 -1.58
N CYS A 429 10.08 -0.38 -1.53
CA CYS A 429 10.88 0.19 -0.47
C CYS A 429 10.86 1.72 -0.50
N SER A 430 10.82 2.30 -1.70
N SER A 430 10.82 2.30 -1.70
CA SER A 430 10.75 3.77 -1.82
CA SER A 430 10.74 3.75 -1.83
C SER A 430 9.41 4.27 -1.30
C SER A 430 9.41 4.26 -1.30
N ASN A 431 8.36 3.47 -1.48
CA ASN A 431 7.04 3.81 -0.96
C ASN A 431 7.06 3.79 0.57
N TRP A 432 7.59 2.71 1.15
CA TRP A 432 7.66 2.62 2.59
C TRP A 432 8.59 3.66 3.21
N THR A 433 9.71 3.93 2.55
CA THR A 433 10.70 4.84 3.09
C THR A 433 10.16 6.27 3.10
N SER A 434 9.39 6.63 2.08
CA SER A 434 8.85 7.98 2.02
C SER A 434 7.69 8.15 3.00
N ASN A 435 6.96 7.08 3.31
CA ASN A 435 5.92 7.22 4.34
C ASN A 435 6.58 7.35 5.72
N PHE A 436 7.76 6.73 5.85
CA PHE A 436 8.52 6.86 7.08
C PHE A 436 8.98 8.31 7.28
N LEU A 437 9.49 8.91 6.21
CA LEU A 437 9.98 10.28 6.26
C LEU A 437 8.86 11.26 6.57
N VAL A 438 7.70 11.05 5.96
CA VAL A 438 6.55 11.92 6.21
C VAL A 438 6.12 11.80 7.67
N GLY A 439 6.02 10.58 8.18
CA GLY A 439 5.72 10.38 9.59
C GLY A 439 6.75 11.07 10.48
N LEU A 440 8.00 10.98 10.07
CA LEU A 440 9.10 11.50 10.86
C LEU A 440 9.16 13.03 10.87
N LEU A 441 8.92 13.64 9.71
CA LEU A 441 9.19 15.06 9.54
C LEU A 441 7.95 15.97 9.64
N PHE A 442 6.76 15.43 9.38
CA PHE A 442 5.55 16.26 9.37
C PHE A 442 5.25 17.01 10.67
N PRO A 443 5.36 16.35 11.85
CA PRO A 443 5.00 17.08 13.07
C PRO A 443 5.88 18.30 13.33
N SER A 444 7.17 18.20 13.04
CA SER A 444 8.08 19.34 13.13
C SER A 444 7.70 20.42 12.12
N ALA A 445 7.45 20.01 10.89
CA ALA A 445 7.04 20.95 9.85
C ALA A 445 5.72 21.63 10.20
N ALA A 446 4.76 20.83 10.66
CA ALA A 446 3.47 21.34 11.11
C ALA A 446 3.63 22.36 12.22
N HIS A 447 4.63 22.13 13.07
CA HIS A 447 4.84 22.97 14.23
C HIS A 447 5.26 24.38 13.83
N TYR A 448 6.17 24.47 12.88
CA TYR A 448 6.70 25.76 12.43
C TYR A 448 5.81 26.42 11.39
N LEU A 449 5.20 25.61 10.53
CA LEU A 449 4.47 26.16 9.39
C LEU A 449 2.97 26.31 9.66
N GLY A 450 2.45 25.60 10.66
CA GLY A 450 1.03 25.61 10.93
C GLY A 450 0.23 25.23 9.69
N ALA A 451 -0.82 26.00 9.41
CA ALA A 451 -1.70 25.74 8.27
C ALA A 451 -0.95 25.66 6.92
N TYR A 452 0.20 26.33 6.83
CA TYR A 452 0.98 26.36 5.58
C TYR A 452 1.66 25.03 5.26
N VAL A 453 1.69 24.13 6.24
CA VAL A 453 2.39 22.87 6.06
C VAL A 453 1.81 22.07 4.90
N PHE A 454 0.53 22.29 4.58
CA PHE A 454 -0.11 21.52 3.52
C PHE A 454 0.30 22.03 2.14
N ILE A 455 0.86 23.23 2.08
CA ILE A 455 1.39 23.77 0.83
C ILE A 455 2.66 23.01 0.43
N ILE A 456 3.34 22.43 1.41
CA ILE A 456 4.45 21.53 1.11
C ILE A 456 3.93 20.37 0.27
N PHE A 457 2.82 19.79 0.69
CA PHE A 457 2.25 18.67 -0.04
C PHE A 457 1.74 19.14 -1.40
N THR A 458 1.14 20.32 -1.43
CA THR A 458 0.69 20.92 -2.68
C THR A 458 1.84 21.02 -3.68
N GLY A 459 2.99 21.46 -3.18
CA GLY A 459 4.19 21.54 -3.99
C GLY A 459 4.59 20.21 -4.60
N PHE A 460 4.54 19.16 -3.79
CA PHE A 460 4.89 17.83 -4.29
C PHE A 460 3.85 17.35 -5.30
N LEU A 461 2.58 17.54 -4.98
CA LEU A 461 1.48 17.16 -5.87
C LEU A 461 1.62 17.81 -7.25
N ILE A 462 1.92 19.10 -7.27
CA ILE A 462 2.07 19.83 -8.52
C ILE A 462 3.28 19.36 -9.32
N THR A 463 4.40 19.19 -8.63
CA THR A 463 5.61 18.66 -9.25
C THR A 463 5.33 17.30 -9.90
N PHE A 464 4.61 16.42 -9.21
CA PHE A 464 4.39 15.07 -9.70
C PHE A 464 3.28 15.02 -10.75
N LEU A 465 2.39 16.00 -10.71
CA LEU A 465 1.40 16.17 -11.77
C LEU A 465 2.13 16.43 -13.10
N ALA A 466 3.11 17.33 -13.05
CA ALA A 466 3.88 17.65 -14.26
C ALA A 466 4.66 16.43 -14.73
N PHE A 467 5.32 15.76 -13.79
CA PHE A 467 6.07 14.55 -14.07
C PHE A 467 5.22 13.51 -14.79
N THR A 468 4.03 13.28 -14.25
CA THR A 468 3.13 12.29 -14.81
C THR A 468 2.77 12.61 -16.25
N PHE A 469 2.24 13.81 -16.45
CA PHE A 469 1.83 14.25 -17.78
C PHE A 469 2.94 14.11 -18.82
N PHE A 470 4.16 14.47 -18.45
CA PHE A 470 5.27 14.48 -19.40
C PHE A 470 6.01 13.13 -19.47
N LYS A 471 6.09 12.40 -18.36
CA LYS A 471 7.01 11.25 -18.29
C LYS A 471 6.36 9.86 -18.14
N VAL A 472 5.08 9.80 -17.81
CA VAL A 472 4.47 8.50 -17.52
C VAL A 472 3.68 7.99 -18.71
N PRO A 473 4.11 6.85 -19.29
CA PRO A 473 3.42 6.30 -20.45
C PRO A 473 2.12 5.60 -20.07
N GLU A 474 1.16 5.57 -20.97
CA GLU A 474 -0.08 4.84 -20.74
C GLU A 474 0.16 3.34 -20.91
N THR A 475 -0.18 2.56 -19.89
CA THR A 475 0.11 1.14 -19.86
C THR A 475 -1.14 0.29 -20.06
N ARG A 476 -2.31 0.94 -20.13
CA ARG A 476 -3.59 0.24 -20.20
C ARG A 476 -3.70 -0.64 -21.44
N GLY A 477 -4.00 -1.92 -21.22
CA GLY A 477 -4.28 -2.83 -22.31
C GLY A 477 -3.06 -3.26 -23.12
N ARG A 478 -1.87 -2.88 -22.65
CA ARG A 478 -0.64 -3.23 -23.33
C ARG A 478 0.06 -4.40 -22.64
N THR A 479 0.65 -5.27 -23.43
CA THR A 479 1.44 -6.36 -22.88
C THR A 479 2.70 -5.78 -22.28
N PHE A 480 3.31 -6.55 -21.39
CA PHE A 480 4.58 -6.16 -20.79
C PHE A 480 5.66 -6.06 -21.86
N GLU A 481 5.51 -6.86 -22.92
CA GLU A 481 6.48 -6.88 -24.00
C GLU A 481 6.45 -5.57 -24.78
N ASP A 482 5.25 -5.08 -25.10
CA ASP A 482 5.12 -3.77 -25.77
C ASP A 482 5.75 -2.65 -24.96
N ILE A 483 5.40 -2.59 -23.69
CA ILE A 483 5.86 -1.54 -22.79
C ILE A 483 7.37 -1.58 -22.68
N THR A 484 7.93 -2.77 -22.52
CA THR A 484 9.37 -2.94 -22.41
C THR A 484 10.09 -2.54 -23.70
N ARG A 485 9.54 -2.96 -24.84
CA ARG A 485 10.13 -2.60 -26.13
C ARG A 485 10.12 -1.10 -26.38
N ALA A 486 9.01 -0.44 -26.01
CA ALA A 486 8.93 1.02 -26.10
C ALA A 486 10.02 1.69 -25.26
N PHE A 487 10.19 1.25 -24.02
CA PHE A 487 11.28 1.76 -23.18
C PHE A 487 12.65 1.54 -23.81
N GLU A 488 12.83 0.41 -24.48
CA GLU A 488 14.08 0.09 -25.16
C GLU A 488 14.23 0.96 -26.40
N GLY A 489 13.10 1.25 -27.04
CA GLY A 489 13.08 2.09 -28.22
C GLY A 489 13.49 3.50 -27.87
N GLN A 490 13.08 3.96 -26.70
CA GLN A 490 13.45 5.30 -26.25
C GLN A 490 14.91 5.31 -25.82
N ALA A 491 15.35 4.21 -25.20
CA ALA A 491 16.74 4.08 -24.75
C ALA A 491 17.71 4.07 -25.93
N HIS A 492 17.23 3.70 -27.11
CA HIS A 492 18.03 3.73 -28.31
C HIS A 492 18.08 5.12 -28.94
N GLY A 493 17.83 6.15 -28.14
CA GLY A 493 17.83 7.51 -28.63
C GLY A 493 18.12 8.52 -27.54
C4 F00 B . -2.47 4.60 2.76
C5 F00 B . -3.65 4.23 1.88
C6 F00 B . -4.78 5.17 2.30
C3 F00 B . -1.23 3.81 2.36
CAM F00 B . 0.39 3.25 4.03
CAN F00 B . 1.49 3.81 4.99
CAO F00 B . 1.75 2.77 6.09
CAP F00 B . 2.67 3.38 7.21
CAQ F00 B . 1.92 3.46 8.55
CAR F00 B . 2.91 3.80 9.66
CAS F00 B . 3.55 5.16 9.36
CAT F00 B . 4.65 5.43 10.36
CAU F00 B . 5.15 6.85 10.21
CAV F00 B . 6.18 7.16 11.36
CAW F00 B . 7.49 7.21 11.09
C1 F00 B . -2.18 3.70 0.07
O1 F00 B . -2.47 2.34 0.11
C2 F00 B . -0.95 3.99 0.90
O2 F00 B . 0.12 3.11 0.54
O3 F00 B . -0.14 4.26 3.14
O4 F00 B . -2.77 4.34 4.08
O5 F00 B . -3.32 4.45 0.52
O6 F00 B . -6.04 4.69 1.91
C18 OLC C . -9.44 10.00 24.65
C10 OLC C . -6.14 9.78 15.63
C9 OLC C . -6.58 8.82 14.82
C17 OLC C . -9.71 9.89 23.17
C11 OLC C . -5.87 9.47 17.08
C8 OLC C . -6.86 9.12 13.37
C24 OLC C . 0.64 6.42 10.88
C16 OLC C . -8.65 9.06 22.48
C12 OLC C . -7.18 9.22 17.81
C7 OLC C . -7.69 7.99 12.76
C15 OLC C . -8.76 9.19 20.96
C13 OLC C . -7.24 9.98 19.12
C6 OLC C . -7.06 7.51 11.45
C14 OLC C . -7.39 9.03 20.30
C5 OLC C . -6.90 5.99 11.46
C4 OLC C . -7.09 5.42 10.06
C3 OLC C . -6.04 5.96 9.10
C2 OLC C . -4.64 5.50 9.50
C21 OLC C . -1.25 5.89 9.35
C1 OLC C . -3.62 6.16 8.61
C22 OLC C . -0.81 5.94 10.81
O19 OLC C . -3.80 6.24 7.40
O25 OLC C . 0.80 7.29 12.01
O23 OLC C . -1.64 6.85 11.53
O20 OLC C . -2.40 6.72 9.19
C18 OLC D . -18.51 -7.63 13.11
C10 OLC D . -12.44 -13.22 9.57
C9 OLC D . -11.17 -12.84 9.59
C17 OLC D . -17.53 -8.24 12.12
C11 OLC D . -13.24 -13.26 10.85
C8 OLC D . -10.38 -12.80 8.31
C24 OLC D . -11.48 -8.19 -2.75
C16 OLC D . -17.29 -9.70 12.42
C12 OLC D . -13.74 -11.86 11.18
C7 OLC D . -10.37 -11.38 7.74
C15 OLC D . -15.99 -10.19 11.81
C13 OLC D . -14.21 -11.76 12.62
C6 OLC D . -11.52 -11.18 6.76
C14 OLC D . -14.94 -10.45 12.89
C5 OLC D . -11.04 -11.31 5.33
C4 OLC D . -10.74 -9.94 4.72
C3 OLC D . -10.47 -10.04 3.23
C2 OLC D . -10.10 -8.69 2.65
C21 OLC D . -11.73 -7.14 -0.51
C1 OLC D . -10.67 -8.57 1.25
C22 OLC D . -10.82 -7.27 -1.73
O19 OLC D . -10.89 -9.57 0.58
O25 OLC D . -10.51 -8.56 -3.74
O23 OLC D . -10.63 -5.97 -2.30
O20 OLC D . -10.93 -7.26 0.68
C18 OLC E . -10.86 21.00 -8.22
C10 OLC E . -7.08 16.97 -14.10
C9 OLC E . -6.99 16.39 -15.29
C17 OLC E . -10.79 20.66 -9.70
C11 OLC E . -6.01 17.95 -13.65
C8 OLC E . -5.83 16.69 -16.21
C24 OLC E . -4.05 8.33 -22.10
C16 OLC E . -9.45 20.01 -10.04
C12 OLC E . -6.64 18.99 -12.72
C7 OLC E . -5.34 15.40 -16.85
C15 OLC E . -9.64 18.58 -10.52
C13 OLC E . -7.38 18.30 -11.58
C6 OLC E . -6.49 14.64 -17.50
C14 OLC E . -8.89 18.33 -11.82
C5 OLC E . -6.80 15.18 -18.88
C4 OLC E . -5.67 14.87 -19.86
C3 OLC E . -5.39 13.37 -19.91
C2 OLC E . -4.98 12.95 -21.32
C21 OLC E . -3.00 10.49 -22.79
C1 OLC E . -3.58 12.39 -21.28
C22 OLC E . -2.81 8.97 -22.72
O19 OLC E . -2.62 13.12 -21.07
O25 OLC E . -4.47 7.24 -22.92
O23 OLC E . -2.62 8.46 -24.05
O20 OLC E . -3.34 10.97 -21.48
C18 OLC F . 10.59 19.89 -6.27
C10 OLC F . 6.89 25.33 -0.05
C9 OLC F . 7.69 26.13 0.63
C17 OLC F . 10.14 20.96 -5.31
C11 OLC F . 7.26 24.89 -1.46
C8 OLC F . 7.33 26.55 2.03
C24 OLC F . 7.92 29.90 13.80
C16 OLC F . 8.83 20.57 -4.62
C12 OLC F . 7.75 23.45 -1.44
C7 OLC F . 8.00 27.88 2.35
C15 OLC F . 8.91 20.82 -3.11
C13 OLC F . 7.30 22.71 -2.69
C6 OLC F . 8.96 27.74 3.52
C14 OLC F . 7.55 21.22 -2.56
C5 OLC F . 9.01 29.01 4.36
C4 OLC F . 10.03 28.90 5.48
C3 OLC F . 9.62 29.72 6.68
C2 OLC F . 9.52 28.85 7.94
C21 OLC F . 8.70 30.21 11.46
C1 OLC F . 9.55 29.73 9.16
C22 OLC F . 7.49 29.91 12.33
O19 OLC F . 10.46 30.54 9.33
O25 OLC F . 6.80 29.55 14.62
O23 OLC F . 6.50 30.92 12.14
O20 OLC F . 8.52 29.62 10.17
C18 OLC G . -5.98 22.95 -10.31
C10 OLC G . -8.46 27.99 -3.64
C9 OLC G . -9.24 29.06 -3.48
C17 OLC G . -6.30 23.04 -8.84
C11 OLC G . -8.03 27.58 -5.02
C8 OLC G . -9.67 29.47 -2.09
C24 OLC G . -17.33 32.45 5.59
C16 OLC G . -5.18 23.73 -8.08
C12 OLC G . -6.52 27.35 -5.03
C7 OLC G . -10.52 30.73 -2.18
C15 OLC G . -5.41 25.23 -8.00
C13 OLC G . -6.01 27.11 -6.45
C6 OLC G . -11.65 30.70 -1.16
C14 OLC G . -5.37 25.73 -6.56
C5 OLC G . -12.08 32.10 -0.77
C4 OLC G . -13.58 32.18 -0.51
C3 OLC G . -13.95 33.45 0.25
C2 OLC G . -13.83 33.23 1.76
C21 OLC G . -16.78 34.28 3.99
C1 OLC G . -14.81 34.13 2.48
C22 OLC G . -17.83 33.27 4.40
O19 OLC G . -14.95 35.29 2.13
O25 OLC G . -18.03 32.85 6.77
O23 OLC G . -19.04 33.94 4.76
O20 OLC G . -15.60 33.61 3.58
C18 OLC H . -13.61 10.77 -16.62
C10 OLC H . -13.82 12.99 -7.04
C9 OLC H . -14.66 14.03 -7.06
C17 OLC H . -12.92 11.11 -15.32
C11 OLC H . -13.07 12.61 -8.28
C8 OLC H . -15.40 14.42 -5.80
C24 OLC H . -19.46 19.07 1.73
C16 OLC H . -13.88 11.02 -14.14
C12 OLC H . -14.05 12.02 -9.30
C7 OLC H . -16.20 15.69 -6.05
C15 OLC H . -13.12 10.89 -12.83
C13 OLC H . -13.53 12.20 -10.72
C6 OLC H . -15.31 16.79 -6.64
C14 OLC H . -14.05 11.11 -11.64
C5 OLC H . -16.13 18.02 -7.02
C4 OLC H . -16.24 18.98 -5.84
C3 OLC H . -17.60 18.83 -5.16
C2 OLC H . -17.47 19.00 -3.65
C21 OLC H . -19.52 18.26 -0.62
C1 OLC H . -18.74 18.53 -2.97
C22 OLC H . -18.72 18.26 0.67
O19 OLC H . -19.83 18.73 -3.49
O25 OLC H . -19.22 18.50 3.02
O23 OLC H . -18.55 16.92 1.13
O20 OLC H . -18.68 17.85 -1.70
#